data_5YY9
#
_entry.id   5YY9
#
_cell.length_a   27.105
_cell.length_b   97.349
_cell.length_c   132.529
_cell.angle_alpha   90.00
_cell.angle_beta   90.00
_cell.angle_gamma   90.00
#
_symmetry.space_group_name_H-M   'P 21 21 21'
#
loop_
_entity.id
_entity.type
_entity.pdbx_description
1 polymer 'E3 ubiquitin-protein ligase UHRF1'
2 polymer 'Ligase 1'
3 water water
#
loop_
_entity_poly.entity_id
_entity_poly.type
_entity_poly.pdbx_seq_one_letter_code
_entity_poly.pdbx_strand_id
1 'polypeptide(L)'
;DEDMWDETELGLYKVNEYVDARDTNMGAWFEAQVVRVTRKAPSRPALEEDVIYHVKYDDYPENGVVQMNSRDVRARARTI
IKWQDLEVGQVVMLNYNPDNPKERGFWYDAEISRKRETRTARELYANVVLGDDSLNDCRIIFVDEVFKIERPGE
;
A,B
2 'polypeptide(L)' IPKRRTAR(M3L)QLPK C,D
#
# COMPACT_ATOMS: atom_id res chain seq x y z
N VAL A 15 -3.21 -4.72 -10.84
CA VAL A 15 -2.09 -3.81 -11.05
C VAL A 15 -1.98 -2.83 -9.89
N ASN A 16 -3.07 -2.64 -9.17
CA ASN A 16 -3.06 -1.88 -7.91
C ASN A 16 -3.31 -2.90 -6.79
N GLU A 17 -3.03 -2.67 -5.49
CA GLU A 17 -2.74 -1.45 -4.70
C GLU A 17 -4.06 -0.79 -4.27
N TYR A 18 -4.74 -1.46 -3.33
CA TYR A 18 -5.96 -0.97 -2.69
C TYR A 18 -5.96 -1.47 -1.26
N VAL A 19 -6.34 -0.61 -0.31
CA VAL A 19 -6.23 -0.96 1.10
C VAL A 19 -7.51 -0.54 1.83
N ASP A 20 -7.64 -1.08 3.04
CA ASP A 20 -8.67 -0.74 4.02
C ASP A 20 -8.01 -0.13 5.23
N ALA A 21 -8.62 0.91 5.79
CA ALA A 21 -8.07 1.62 6.94
C ALA A 21 -9.06 1.55 8.09
N ARG A 22 -8.57 1.17 9.28
CA ARG A 22 -9.40 1.00 10.47
C ARG A 22 -9.31 2.26 11.33
N ASP A 23 -10.42 2.97 11.47
CA ASP A 23 -10.47 4.06 12.42
C ASP A 23 -10.33 3.50 13.84
N THR A 24 -9.40 4.06 14.60
CA THR A 24 -9.01 3.43 15.86
C THR A 24 -10.05 3.61 16.95
N ASN A 25 -10.98 4.53 16.80
CA ASN A 25 -11.97 4.78 17.85
C ASN A 25 -13.29 4.08 17.60
N MET A 26 -13.72 3.95 16.34
CA MET A 26 -14.90 3.17 16.02
C MET A 26 -14.60 1.71 15.80
N GLY A 27 -13.35 1.37 15.51
CA GLY A 27 -12.97 0.01 15.23
C GLY A 27 -13.35 -0.49 13.85
N ALA A 28 -13.98 0.35 13.03
CA ALA A 28 -14.48 -0.05 11.72
C ALA A 28 -13.45 0.19 10.63
N TRP A 29 -13.59 -0.56 9.54
CA TRP A 29 -12.69 -0.47 8.40
C TRP A 29 -13.33 0.35 7.29
N PHE A 30 -12.53 1.21 6.68
CA PHE A 30 -12.99 2.08 5.61
C PHE A 30 -12.00 2.01 4.45
N GLU A 31 -12.51 2.21 3.25
CA GLU A 31 -11.69 2.19 2.05
C GLU A 31 -10.76 3.41 2.05
N ALA A 32 -9.50 3.18 1.72
CA ALA A 32 -8.49 4.22 1.86
C ALA A 32 -7.34 3.96 0.91
N GLN A 33 -6.43 4.94 0.84
CA GLN A 33 -5.21 4.80 0.05
C GLN A 33 -4.02 5.22 0.88
N VAL A 34 -2.86 4.66 0.55
CA VAL A 34 -1.61 4.96 1.23
C VAL A 34 -0.93 6.12 0.52
N VAL A 35 -0.62 7.17 1.27
CA VAL A 35 -0.01 8.37 0.71
C VAL A 35 1.50 8.33 0.92
N ARG A 36 1.93 8.21 2.16
CA ARG A 36 3.35 8.17 2.51
C ARG A 36 3.62 7.00 3.44
N VAL A 37 4.87 6.55 3.42
CA VAL A 37 5.42 5.65 4.43
C VAL A 37 6.65 6.34 5.01
N THR A 38 6.62 6.63 6.31
CA THR A 38 7.71 7.32 6.99
C THR A 38 8.24 6.48 8.13
N ARG A 39 9.41 6.88 8.63
CA ARG A 39 10.10 6.17 9.69
C ARG A 39 9.85 6.89 11.01
N LYS A 40 9.29 6.18 11.98
CA LYS A 40 9.03 6.72 13.31
C LYS A 40 10.19 6.36 14.22
N ALA A 41 11.08 7.32 14.47
CA ALA A 41 12.18 7.09 15.39
C ALA A 41 11.61 6.84 16.79
N PRO A 42 12.22 5.96 17.57
CA PRO A 42 11.66 5.62 18.89
C PRO A 42 11.60 6.83 19.81
N SER A 43 10.43 7.02 20.43
CA SER A 43 10.24 8.09 21.40
C SER A 43 10.81 7.73 22.75
N ARG A 44 11.05 6.45 23.01
CA ARG A 44 11.57 5.97 24.28
C ARG A 44 12.43 4.74 24.00
N PRO A 45 13.30 4.36 24.93
CA PRO A 45 14.11 3.15 24.71
C PRO A 45 13.28 1.87 24.55
N ALA A 46 12.10 1.80 25.17
CA ALA A 46 11.26 0.61 25.07
C ALA A 46 10.45 0.56 23.78
N LEU A 47 10.82 1.33 22.77
CA LEU A 47 10.18 1.32 21.47
C LEU A 47 11.22 1.08 20.39
N GLU A 48 10.80 0.36 19.34
CA GLU A 48 11.63 0.11 18.18
C GLU A 48 11.28 1.06 17.05
N GLU A 49 12.19 1.19 16.10
CA GLU A 49 11.95 2.01 14.91
C GLU A 49 10.93 1.29 14.03
N ASP A 50 9.71 1.82 13.99
CA ASP A 50 8.63 1.24 13.21
C ASP A 50 8.25 2.18 12.06
N VAL A 51 7.49 1.63 11.12
CA VAL A 51 7.05 2.36 9.94
C VAL A 51 5.64 2.88 10.16
N ILE A 52 5.41 4.11 9.70
CA ILE A 52 4.09 4.74 9.75
C ILE A 52 3.50 4.74 8.36
N TYR A 53 2.22 4.41 8.26
CA TYR A 53 1.47 4.49 7.00
C TYR A 53 0.56 5.70 7.07
N HIS A 54 0.71 6.60 6.10
CA HIS A 54 -0.12 7.79 5.99
C HIS A 54 -1.26 7.49 5.04
N VAL A 55 -2.49 7.48 5.55
CA VAL A 55 -3.63 7.07 4.76
C VAL A 55 -4.64 8.21 4.70
N LYS A 56 -5.44 8.21 3.64
CA LYS A 56 -6.57 9.10 3.47
C LYS A 56 -7.79 8.27 3.11
N TYR A 57 -8.95 8.61 3.67
CA TYR A 57 -10.16 7.86 3.42
C TYR A 57 -10.81 8.31 2.11
N ASP A 58 -11.23 7.34 1.30
CA ASP A 58 -11.74 7.65 -0.03
C ASP A 58 -12.98 8.55 0.02
N ASP A 59 -13.87 8.31 0.98
CA ASP A 59 -15.09 9.10 1.06
C ASP A 59 -15.00 10.23 2.09
N TYR A 60 -13.90 10.36 2.81
CA TYR A 60 -13.73 11.43 3.79
C TYR A 60 -12.40 12.13 3.54
N PRO A 61 -12.29 12.86 2.43
CA PRO A 61 -11.08 13.64 2.17
C PRO A 61 -11.03 14.92 2.97
N GLU A 62 -12.08 15.21 3.75
CA GLU A 62 -12.07 16.37 4.62
C GLU A 62 -11.25 16.11 5.88
N ASN A 63 -11.10 14.84 6.27
CA ASN A 63 -10.32 14.45 7.44
C ASN A 63 -8.81 14.41 7.16
N GLY A 64 -8.38 14.81 5.98
CA GLY A 64 -6.98 14.82 5.65
C GLY A 64 -6.32 13.46 5.75
N VAL A 65 -5.06 13.47 6.16
CA VAL A 65 -4.23 12.27 6.25
C VAL A 65 -4.19 11.80 7.70
N VAL A 66 -4.22 10.48 7.88
CA VAL A 66 -4.15 9.85 9.20
C VAL A 66 -2.87 9.02 9.27
N GLN A 67 -2.21 9.03 10.43
CA GLN A 67 -1.01 8.24 10.65
C GLN A 67 -1.37 6.95 11.36
N MET A 68 -1.09 5.82 10.73
CA MET A 68 -1.44 4.52 11.29
C MET A 68 -0.27 3.55 11.20
N ASN A 69 -0.41 2.43 11.89
CA ASN A 69 0.57 1.36 11.86
C ASN A 69 0.02 0.19 11.06
N SER A 70 0.92 -0.71 10.66
CA SER A 70 0.58 -1.82 9.79
C SER A 70 -0.62 -2.64 10.27
N ARG A 71 -0.92 -2.60 11.58
CA ARG A 71 -2.04 -3.38 12.09
C ARG A 71 -3.38 -2.81 11.62
N ASP A 72 -3.45 -1.51 11.39
CA ASP A 72 -4.68 -0.85 10.98
C ASP A 72 -4.74 -0.57 9.48
N VAL A 73 -3.85 -1.16 8.69
CA VAL A 73 -3.89 -1.06 7.24
C VAL A 73 -3.76 -2.47 6.69
N ARG A 74 -4.60 -2.81 5.72
CA ARG A 74 -4.58 -4.14 5.13
C ARG A 74 -5.19 -4.07 3.74
N ALA A 75 -4.98 -5.13 2.96
CA ALA A 75 -5.51 -5.21 1.61
C ALA A 75 -7.03 -5.06 1.62
N ARG A 76 -7.55 -4.45 0.56
CA ARG A 76 -8.96 -4.10 0.48
C ARG A 76 -9.82 -5.37 0.31
N ALA A 77 -10.95 -5.41 1.01
CA ALA A 77 -11.80 -6.60 0.98
C ALA A 77 -12.39 -6.77 -0.42
N ARG A 78 -12.15 -7.93 -1.02
CA ARG A 78 -12.60 -8.20 -2.38
C ARG A 78 -13.53 -9.41 -2.50
N THR A 79 -13.43 -10.38 -1.60
CA THR A 79 -14.08 -11.67 -1.76
C THR A 79 -15.25 -11.78 -0.80
N ILE A 80 -16.44 -12.00 -1.34
CA ILE A 80 -17.63 -12.24 -0.53
C ILE A 80 -17.72 -13.73 -0.25
N ILE A 81 -18.06 -14.07 0.99
CA ILE A 81 -18.32 -15.45 1.38
C ILE A 81 -19.81 -15.68 1.25
N LYS A 82 -20.20 -16.57 0.32
CA LYS A 82 -21.61 -16.86 0.10
C LYS A 82 -22.27 -17.34 1.39
N TRP A 83 -23.60 -17.13 1.48
CA TRP A 83 -24.33 -17.52 2.68
C TRP A 83 -24.12 -18.99 3.02
N GLN A 84 -24.25 -19.86 2.01
CA GLN A 84 -24.09 -21.30 2.23
C GLN A 84 -22.71 -21.66 2.78
N ASP A 85 -21.71 -20.80 2.59
CA ASP A 85 -20.35 -21.12 2.98
C ASP A 85 -19.92 -20.44 4.27
N LEU A 86 -20.85 -19.82 5.00
CA LEU A 86 -20.55 -19.20 6.28
C LEU A 86 -20.64 -20.24 7.41
N GLU A 87 -19.63 -20.23 8.28
CA GLU A 87 -19.54 -21.18 9.38
C GLU A 87 -19.44 -20.46 10.71
N VAL A 88 -19.89 -21.12 11.78
CA VAL A 88 -19.77 -20.56 13.11
C VAL A 88 -18.31 -20.66 13.54
N GLY A 89 -17.74 -19.52 13.92
CA GLY A 89 -16.36 -19.46 14.33
C GLY A 89 -15.46 -18.73 13.36
N GLN A 90 -15.90 -18.48 12.14
CA GLN A 90 -15.10 -17.71 11.20
C GLN A 90 -15.04 -16.25 11.61
N VAL A 91 -13.87 -15.64 11.40
CA VAL A 91 -13.70 -14.21 11.62
C VAL A 91 -13.79 -13.53 10.26
N VAL A 92 -14.74 -12.60 10.14
CA VAL A 92 -15.10 -11.99 8.87
C VAL A 92 -15.28 -10.49 9.07
N MET A 93 -15.40 -9.77 7.95
CA MET A 93 -15.73 -8.35 7.96
C MET A 93 -17.16 -8.21 7.43
N LEU A 94 -18.06 -7.75 8.30
CA LEU A 94 -19.46 -7.59 7.94
C LEU A 94 -19.94 -6.19 8.32
N ASN A 95 -21.16 -5.87 7.89
CA ASN A 95 -21.75 -4.56 8.11
C ASN A 95 -22.68 -4.61 9.31
N TYR A 96 -22.57 -3.62 10.19
CA TYR A 96 -23.38 -3.56 11.39
C TYR A 96 -23.47 -2.10 11.84
N ASN A 97 -24.61 -1.75 12.42
CA ASN A 97 -24.80 -0.41 12.99
C ASN A 97 -25.10 -0.57 14.47
N PRO A 98 -24.18 -0.22 15.37
CA PRO A 98 -24.42 -0.47 16.80
C PRO A 98 -25.55 0.33 17.38
N ASP A 99 -25.77 1.57 16.91
CA ASP A 99 -26.80 2.44 17.46
C ASP A 99 -28.10 2.39 16.69
N ASN A 100 -28.18 1.56 15.66
CA ASN A 100 -29.38 1.31 14.87
C ASN A 100 -29.25 -0.07 14.25
N PRO A 101 -29.33 -1.13 15.05
CA PRO A 101 -28.99 -2.49 14.54
C PRO A 101 -29.85 -2.93 13.38
N LYS A 102 -30.95 -2.26 13.08
CA LYS A 102 -31.81 -2.64 11.96
C LYS A 102 -31.49 -1.87 10.69
N GLU A 103 -30.44 -1.06 10.70
CA GLU A 103 -30.10 -0.22 9.56
C GLU A 103 -28.70 -0.53 9.06
N ARG A 104 -28.38 0.00 7.88
CA ARG A 104 -27.03 -0.09 7.34
C ARG A 104 -26.05 0.62 8.28
N GLY A 105 -24.84 0.07 8.35
CA GLY A 105 -23.84 0.61 9.25
C GLY A 105 -22.44 0.63 8.68
N PHE A 106 -21.48 0.19 9.49
CA PHE A 106 -20.07 0.24 9.14
C PHE A 106 -19.51 -1.18 9.11
N TRP A 107 -18.29 -1.30 8.60
CA TRP A 107 -17.66 -2.61 8.41
C TRP A 107 -16.74 -2.90 9.60
N TYR A 108 -17.10 -3.91 10.39
CA TYR A 108 -16.30 -4.34 11.52
C TYR A 108 -15.87 -5.79 11.32
N ASP A 109 -14.78 -6.16 11.99
CA ASP A 109 -14.40 -7.55 12.06
C ASP A 109 -15.23 -8.22 13.14
N ALA A 110 -15.75 -9.41 12.82
CA ALA A 110 -16.63 -10.12 13.75
C ALA A 110 -16.38 -11.62 13.63
N GLU A 111 -16.79 -12.34 14.66
CA GLU A 111 -16.71 -13.79 14.66
C GLU A 111 -18.12 -14.36 14.67
N ILE A 112 -18.44 -15.16 13.65
CA ILE A 112 -19.80 -15.68 13.53
C ILE A 112 -20.07 -16.59 14.71
N SER A 113 -21.17 -16.33 15.40
CA SER A 113 -21.52 -17.09 16.58
C SER A 113 -22.71 -18.02 16.38
N ARG A 114 -23.70 -17.60 15.58
CA ARG A 114 -24.88 -18.41 15.34
C ARG A 114 -25.38 -18.20 13.92
N LYS A 115 -25.79 -19.30 13.29
CA LYS A 115 -26.33 -19.32 11.93
C LYS A 115 -27.58 -20.18 11.91
N ARG A 116 -28.64 -19.67 11.28
CA ARG A 116 -29.89 -20.40 11.19
C ARG A 116 -30.55 -20.15 9.85
N GLU A 117 -31.17 -21.18 9.30
CA GLU A 117 -31.81 -21.08 8.00
C GLU A 117 -33.12 -21.86 8.01
N THR A 118 -34.16 -21.23 7.48
CA THR A 118 -35.45 -21.88 7.27
C THR A 118 -35.91 -21.55 5.86
N ARG A 119 -37.05 -22.12 5.48
CA ARG A 119 -37.63 -21.80 4.18
C ARG A 119 -37.95 -20.32 4.07
N THR A 120 -38.08 -19.62 5.20
CA THR A 120 -38.50 -18.22 5.20
C THR A 120 -37.38 -17.24 5.55
N ALA A 121 -36.53 -17.56 6.52
CA ALA A 121 -35.62 -16.61 7.12
C ALA A 121 -34.19 -17.12 7.09
N ARG A 122 -33.24 -16.17 7.06
CA ARG A 122 -31.81 -16.49 7.12
C ARG A 122 -31.19 -15.56 8.16
N GLU A 123 -30.92 -16.07 9.36
CA GLU A 123 -30.40 -15.23 10.44
C GLU A 123 -28.97 -15.62 10.82
N LEU A 124 -28.19 -14.60 11.17
CA LEU A 124 -26.79 -14.75 11.51
C LEU A 124 -26.45 -13.84 12.68
N TYR A 125 -25.80 -14.40 13.68
CA TYR A 125 -25.34 -13.64 14.84
C TYR A 125 -23.82 -13.74 14.94
N ALA A 126 -23.19 -12.62 15.29
CA ALA A 126 -21.74 -12.54 15.35
C ALA A 126 -21.32 -11.65 16.51
N ASN A 127 -20.08 -11.84 16.95
CA ASN A 127 -19.47 -11.03 17.98
C ASN A 127 -18.68 -9.91 17.30
N VAL A 128 -19.19 -8.70 17.36
CA VAL A 128 -18.64 -7.58 16.60
C VAL A 128 -17.55 -6.88 17.41
N VAL A 129 -16.38 -6.73 16.81
CA VAL A 129 -15.26 -6.01 17.44
C VAL A 129 -15.37 -4.53 17.08
N LEU A 130 -15.38 -3.67 18.11
CA LEU A 130 -15.42 -2.23 17.91
C LEU A 130 -14.20 -1.49 18.44
N GLY A 131 -13.26 -2.17 19.07
CA GLY A 131 -12.07 -1.51 19.60
C GLY A 131 -11.28 -2.38 20.56
N ASP A 133 -13.46 -2.91 23.09
CA ASP A 133 -14.75 -3.49 23.47
C ASP A 133 -15.27 -4.46 22.40
N SER A 134 -16.17 -5.35 22.79
CA SER A 134 -16.79 -6.31 21.90
C SER A 134 -18.28 -6.39 22.17
N LEU A 135 -19.04 -6.71 21.12
CA LEU A 135 -20.50 -6.87 21.21
C LEU A 135 -20.86 -8.29 20.82
N ASN A 136 -21.41 -9.03 21.77
CA ASN A 136 -21.69 -10.44 21.58
C ASN A 136 -23.11 -10.61 21.06
N ASP A 137 -23.26 -11.53 20.09
CA ASP A 137 -24.55 -11.88 19.49
C ASP A 137 -25.28 -10.65 18.96
N CYS A 138 -24.71 -10.09 17.90
CA CYS A 138 -25.35 -9.03 17.15
C CYS A 138 -26.08 -9.64 15.97
N ARG A 139 -27.32 -9.23 15.77
CA ARG A 139 -28.12 -9.75 14.66
C ARG A 139 -27.66 -9.03 13.40
N ILE A 140 -26.97 -9.75 12.52
CA ILE A 140 -26.42 -9.17 11.31
C ILE A 140 -27.51 -9.12 10.25
N ILE A 141 -27.73 -7.94 9.68
CA ILE A 141 -28.76 -7.77 8.66
C ILE A 141 -28.28 -8.26 7.30
N PHE A 142 -27.07 -7.85 6.90
CA PHE A 142 -26.58 -8.02 5.54
C PHE A 142 -25.78 -9.31 5.43
N VAL A 143 -26.52 -10.43 5.43
CA VAL A 143 -25.89 -11.75 5.42
C VAL A 143 -25.39 -12.15 4.05
N ASP A 144 -25.66 -11.33 3.02
CA ASP A 144 -25.11 -11.54 1.68
C ASP A 144 -23.94 -10.62 1.38
N GLU A 145 -23.51 -9.80 2.34
CA GLU A 145 -22.36 -8.93 2.15
C GLU A 145 -21.33 -9.20 3.23
N VAL A 146 -20.92 -10.45 3.37
CA VAL A 146 -19.91 -10.86 4.35
C VAL A 146 -18.60 -11.09 3.59
N PHE A 147 -17.57 -10.34 3.95
CA PHE A 147 -16.29 -10.39 3.25
C PHE A 147 -15.30 -11.29 3.98
N LYS A 148 -14.41 -11.88 3.18
CA LYS A 148 -13.26 -12.60 3.71
C LYS A 148 -12.12 -11.62 3.97
N ILE A 149 -11.45 -11.78 5.10
CA ILE A 149 -10.36 -10.89 5.47
C ILE A 149 -9.10 -11.35 4.74
N GLU A 150 -8.46 -10.41 4.03
CA GLU A 150 -7.31 -10.74 3.17
C GLU A 150 -6.02 -10.80 3.96
N ARG A 151 -5.30 -11.91 3.80
CA ARG A 151 -4.01 -12.16 4.45
C ARG A 151 -3.02 -12.87 3.48
N PRO A 152 -1.72 -13.00 3.85
CA PRO A 152 -1.02 -12.77 5.12
C PRO A 152 -0.75 -11.31 5.42
N ASP B 3 14.49 22.36 13.93
CA ASP B 3 13.45 23.20 13.35
C ASP B 3 13.99 24.59 13.04
N MET B 4 14.29 24.85 11.77
CA MET B 4 14.82 26.14 11.35
C MET B 4 13.76 26.91 10.55
N TRP B 5 14.10 28.15 10.23
CA TRP B 5 13.19 28.99 9.45
C TRP B 5 12.88 28.36 8.09
N ASP B 6 13.87 27.70 7.48
CA ASP B 6 13.72 27.15 6.15
C ASP B 6 13.10 25.77 6.12
N GLU B 7 13.06 25.07 7.25
CA GLU B 7 12.41 23.77 7.29
C GLU B 7 10.91 23.92 7.04
N THR B 8 10.39 23.15 6.11
CA THR B 8 8.98 23.16 5.79
C THR B 8 8.43 21.75 5.86
N GLU B 9 7.23 21.61 6.42
CA GLU B 9 6.52 20.35 6.45
C GLU B 9 5.44 20.28 5.38
N LEU B 10 5.48 21.19 4.40
CA LEU B 10 4.44 21.31 3.40
C LEU B 10 4.87 20.81 2.03
N GLY B 11 6.05 20.21 1.92
CA GLY B 11 6.52 19.69 0.65
C GLY B 11 5.82 18.40 0.26
N LEU B 12 6.12 17.96 -0.96
CA LEU B 12 5.55 16.69 -1.44
C LEU B 12 6.03 15.53 -0.60
N TYR B 13 7.28 15.57 -0.14
CA TYR B 13 7.89 14.51 0.62
C TYR B 13 8.29 15.04 1.99
N LYS B 14 8.05 14.21 3.02
CA LYS B 14 8.24 14.60 4.41
C LYS B 14 9.55 14.03 4.95
N VAL B 15 10.00 14.61 6.06
CA VAL B 15 11.18 14.10 6.75
C VAL B 15 10.88 12.70 7.29
N ASN B 16 11.88 11.82 7.20
CA ASN B 16 11.83 10.42 7.62
C ASN B 16 11.02 9.56 6.66
N GLU B 17 10.54 10.11 5.56
CA GLU B 17 9.79 9.29 4.61
C GLU B 17 10.73 8.39 3.82
N TYR B 18 10.33 7.13 3.65
CA TYR B 18 11.08 6.25 2.77
C TYR B 18 10.80 6.63 1.32
N VAL B 19 11.86 6.80 0.54
CA VAL B 19 11.77 7.31 -0.83
C VAL B 19 12.76 6.57 -1.71
N ASP B 20 12.64 6.80 -3.01
CA ASP B 20 13.60 6.37 -4.01
C ASP B 20 14.26 7.61 -4.57
N ALA B 21 15.58 7.57 -4.74
CA ALA B 21 16.34 8.74 -5.19
C ALA B 21 17.10 8.42 -6.47
N ARG B 22 16.86 9.22 -7.50
CA ARG B 22 17.47 9.02 -8.81
C ARG B 22 18.85 9.65 -8.82
N ASP B 23 19.89 8.83 -8.91
CA ASP B 23 21.24 9.33 -9.10
C ASP B 23 21.38 9.89 -10.51
N THR B 24 21.91 11.12 -10.60
CA THR B 24 21.89 11.82 -11.87
C THR B 24 22.91 11.30 -12.88
N ASN B 25 23.89 10.51 -12.45
CA ASN B 25 24.91 10.07 -13.40
C ASN B 25 24.64 8.70 -14.00
N MET B 26 24.14 7.73 -13.22
CA MET B 26 23.72 6.47 -13.83
C MET B 26 22.26 6.46 -14.22
N GLY B 27 21.46 7.37 -13.68
CA GLY B 27 20.04 7.42 -13.96
C GLY B 27 19.21 6.43 -13.18
N ALA B 28 19.83 5.63 -12.31
CA ALA B 28 19.15 4.59 -11.57
C ALA B 28 18.59 5.13 -10.26
N TRP B 29 17.59 4.43 -9.73
CA TRP B 29 16.93 4.78 -8.48
C TRP B 29 17.41 3.89 -7.35
N PHE B 30 17.61 4.49 -6.17
CA PHE B 30 18.10 3.78 -5.00
C PHE B 30 17.24 4.12 -3.78
N GLU B 31 17.16 3.18 -2.85
CA GLU B 31 16.40 3.39 -1.63
C GLU B 31 17.06 4.45 -0.76
N ALA B 32 16.27 5.35 -0.22
CA ALA B 32 16.77 6.49 0.55
C ALA B 32 15.68 6.99 1.47
N GLN B 33 16.06 7.88 2.39
CA GLN B 33 15.10 8.57 3.25
C GLN B 33 15.39 10.05 3.24
N VAL B 34 14.33 10.83 3.48
CA VAL B 34 14.44 12.29 3.48
C VAL B 34 14.78 12.71 4.89
N VAL B 35 15.91 13.40 5.05
CA VAL B 35 16.34 13.85 6.36
C VAL B 35 16.01 15.31 6.62
N ARG B 36 15.74 16.09 5.57
CA ARG B 36 15.45 17.52 5.74
C ARG B 36 14.77 18.02 4.47
N VAL B 37 13.82 18.95 4.65
CA VAL B 37 13.09 19.57 3.56
C VAL B 37 13.11 21.07 3.78
N THR B 38 13.70 21.81 2.84
CA THR B 38 13.83 23.26 2.94
C THR B 38 13.23 23.94 1.71
N ARG B 39 12.77 25.17 1.89
CA ARG B 39 12.26 25.99 0.79
C ARG B 39 12.77 27.43 0.87
N ASP B 50 11.81 24.54 -6.61
CA ASP B 50 11.56 25.47 -5.53
C ASP B 50 11.98 24.87 -4.18
N VAL B 51 11.56 23.63 -3.94
CA VAL B 51 11.84 22.92 -2.69
C VAL B 51 13.05 22.01 -2.90
N ILE B 52 13.95 21.99 -1.92
CA ILE B 52 15.10 21.09 -1.91
C ILE B 52 14.85 19.98 -0.90
N TYR B 53 15.08 18.74 -1.30
CA TYR B 53 14.94 17.58 -0.44
C TYR B 53 16.33 17.05 -0.11
N HIS B 54 16.63 16.95 1.18
CA HIS B 54 17.91 16.42 1.64
C HIS B 54 17.71 14.93 1.93
N VAL B 55 18.35 14.08 1.12
CA VAL B 55 18.16 12.65 1.22
C VAL B 55 19.51 11.98 1.47
N LYS B 56 19.45 10.78 2.05
CA LYS B 56 20.61 9.91 2.20
C LYS B 56 20.28 8.51 1.72
N TYR B 57 21.23 7.87 1.03
CA TYR B 57 21.02 6.53 0.51
C TYR B 57 21.24 5.49 1.61
N ASP B 58 20.32 4.53 1.70
CA ASP B 58 20.34 3.56 2.79
C ASP B 58 21.62 2.73 2.79
N ASP B 59 22.13 2.39 1.60
CA ASP B 59 23.29 1.51 1.50
C ASP B 59 24.60 2.27 1.29
N TYR B 60 24.57 3.59 1.13
CA TYR B 60 25.76 4.38 0.87
C TYR B 60 25.80 5.61 1.76
N PRO B 61 26.04 5.44 3.07
CA PRO B 61 26.16 6.60 3.95
C PRO B 61 27.49 7.33 3.80
N GLU B 62 28.37 6.85 2.93
CA GLU B 62 29.62 7.52 2.65
C GLU B 62 29.42 8.73 1.77
N ASN B 63 28.32 8.81 1.02
CA ASN B 63 27.99 9.97 0.22
C ASN B 63 27.35 11.10 1.02
N GLY B 64 27.25 10.96 2.34
CA GLY B 64 26.62 11.96 3.16
C GLY B 64 25.19 12.17 2.71
N VAL B 65 24.74 13.41 2.82
CA VAL B 65 23.38 13.78 2.42
C VAL B 65 23.48 14.45 1.05
N VAL B 66 22.53 14.14 0.18
CA VAL B 66 22.49 14.71 -1.16
C VAL B 66 21.27 15.61 -1.25
N GLN B 67 21.44 16.73 -1.95
CA GLN B 67 20.36 17.69 -2.16
C GLN B 67 19.75 17.41 -3.52
N MET B 68 18.45 17.12 -3.55
CA MET B 68 17.79 16.71 -4.78
C MET B 68 16.54 17.53 -5.01
N ASN B 69 15.99 17.37 -6.20
CA ASN B 69 14.78 18.05 -6.64
C ASN B 69 13.62 17.05 -6.63
N SER B 70 12.40 17.58 -6.57
CA SER B 70 11.22 16.73 -6.60
C SER B 70 11.22 15.80 -7.81
N ARG B 71 12.03 16.11 -8.83
CA ARG B 71 12.11 15.26 -10.02
C ARG B 71 12.93 14.00 -9.75
N ASP B 72 13.94 14.09 -8.88
CA ASP B 72 14.81 12.96 -8.55
C ASP B 72 14.45 12.28 -7.24
N VAL B 73 13.27 12.58 -6.67
CA VAL B 73 12.79 11.94 -5.45
C VAL B 73 11.34 11.55 -5.66
N ARG B 74 10.99 10.35 -5.19
CA ARG B 74 9.62 9.90 -5.23
C ARG B 74 9.43 8.87 -4.12
N ALA B 75 8.16 8.62 -3.79
CA ALA B 75 7.86 7.64 -2.75
C ALA B 75 8.45 6.29 -3.14
N ARG B 76 8.91 5.55 -2.13
CA ARG B 76 9.60 4.31 -2.42
C ARG B 76 8.61 3.28 -2.95
N ALA B 77 9.06 2.51 -3.94
CA ALA B 77 8.20 1.55 -4.59
C ALA B 77 7.77 0.45 -3.63
N ARG B 78 6.46 0.24 -3.53
CA ARG B 78 5.86 -0.75 -2.64
C ARG B 78 5.11 -1.85 -3.36
N THR B 79 4.62 -1.59 -4.56
CA THR B 79 3.70 -2.48 -5.26
C THR B 79 4.41 -3.13 -6.43
N ILE B 80 4.44 -4.46 -6.43
CA ILE B 80 4.98 -5.23 -7.54
C ILE B 80 3.86 -5.49 -8.55
N ILE B 81 4.17 -5.33 -9.83
CA ILE B 81 3.22 -5.66 -10.88
C ILE B 81 3.52 -7.10 -11.30
N LYS B 82 2.60 -8.01 -11.01
CA LYS B 82 2.75 -9.41 -11.36
C LYS B 82 2.90 -9.59 -12.86
N TRP B 83 3.53 -10.69 -13.25
CA TRP B 83 3.76 -10.97 -14.66
C TRP B 83 2.47 -10.89 -15.49
N GLN B 84 1.40 -11.55 -15.01
CA GLN B 84 0.15 -11.57 -15.76
C GLN B 84 -0.42 -10.17 -16.00
N ASP B 85 -0.05 -9.19 -15.17
CA ASP B 85 -0.60 -7.85 -15.30
C ASP B 85 0.37 -6.88 -15.98
N LEU B 86 1.45 -7.39 -16.57
CA LEU B 86 2.34 -6.51 -17.32
C LEU B 86 1.81 -6.35 -18.73
N GLU B 87 1.73 -5.10 -19.18
CA GLU B 87 1.19 -4.75 -20.50
C GLU B 87 2.24 -3.92 -21.25
N VAL B 88 2.16 -3.95 -22.57
CA VAL B 88 3.04 -3.14 -23.40
C VAL B 88 2.63 -1.68 -23.31
N GLY B 89 3.57 -0.82 -22.96
CA GLY B 89 3.31 0.59 -22.81
C GLY B 89 3.35 1.11 -21.39
N GLN B 90 3.33 0.23 -20.39
CA GLN B 90 3.42 0.72 -19.02
C GLN B 90 4.84 1.23 -18.77
N VAL B 91 4.96 2.30 -17.99
CA VAL B 91 6.25 2.79 -17.53
C VAL B 91 6.42 2.34 -16.08
N VAL B 92 7.48 1.58 -15.84
CA VAL B 92 7.67 0.85 -14.60
C VAL B 92 9.11 1.03 -14.15
N MET B 93 9.38 0.60 -12.94
CA MET B 93 10.74 0.52 -12.43
C MET B 93 11.09 -0.95 -12.33
N LEU B 94 12.06 -1.37 -13.13
CA LEU B 94 12.51 -2.75 -13.19
C LEU B 94 14.02 -2.79 -13.02
N ASN B 95 14.56 -3.99 -12.88
CA ASN B 95 15.99 -4.18 -12.67
C ASN B 95 16.66 -4.56 -13.98
N TYR B 96 17.78 -3.91 -14.26
CA TYR B 96 18.52 -4.15 -15.49
C TYR B 96 19.97 -3.72 -15.28
N ASN B 97 20.88 -4.42 -15.95
CA ASN B 97 22.29 -4.06 -15.92
C ASN B 97 22.75 -3.74 -17.33
N PRO B 98 22.99 -2.47 -17.67
CA PRO B 98 23.32 -2.14 -19.06
C PRO B 98 24.65 -2.73 -19.51
N ASP B 99 25.63 -2.86 -18.61
CA ASP B 99 26.95 -3.34 -18.98
C ASP B 99 27.13 -4.83 -18.74
N ASN B 100 26.11 -5.53 -18.23
CA ASN B 100 26.12 -6.98 -18.07
C ASN B 100 24.69 -7.48 -18.07
N PRO B 101 24.01 -7.43 -19.22
CA PRO B 101 22.55 -7.65 -19.23
C PRO B 101 22.09 -9.00 -18.71
N LYS B 102 22.96 -9.98 -18.53
CA LYS B 102 22.55 -11.28 -18.03
C LYS B 102 22.66 -11.40 -16.52
N GLU B 103 23.01 -10.30 -15.84
CA GLU B 103 23.23 -10.31 -14.40
C GLU B 103 22.34 -9.29 -13.72
N ARG B 104 22.34 -9.36 -12.39
CA ARG B 104 21.66 -8.36 -11.58
C ARG B 104 22.25 -6.98 -11.85
N GLY B 105 21.40 -5.96 -11.78
CA GLY B 105 21.82 -4.59 -12.05
C GLY B 105 21.17 -3.57 -11.13
N PHE B 106 20.74 -2.45 -11.70
CA PHE B 106 20.14 -1.36 -10.96
C PHE B 106 18.73 -1.09 -11.48
N TRP B 107 18.03 -0.22 -10.76
CA TRP B 107 16.62 0.06 -11.00
C TRP B 107 16.48 1.30 -11.87
N TYR B 108 16.00 1.09 -13.08
CA TYR B 108 15.75 2.17 -14.02
C TYR B 108 14.27 2.19 -14.37
N ASP B 109 13.81 3.35 -14.80
CA ASP B 109 12.48 3.46 -15.36
C ASP B 109 12.51 2.96 -16.79
N ALA B 110 11.51 2.15 -17.15
CA ALA B 110 11.45 1.59 -18.48
C ALA B 110 9.99 1.50 -18.89
N GLU B 111 9.78 1.46 -20.21
CA GLU B 111 8.45 1.31 -20.76
C GLU B 111 8.42 -0.01 -21.53
N ILE B 112 7.51 -0.90 -21.14
CA ILE B 112 7.46 -2.23 -21.72
C ILE B 112 7.09 -2.14 -23.19
N SER B 113 7.92 -2.73 -24.05
CA SER B 113 7.71 -2.70 -25.49
C SER B 113 7.31 -4.03 -26.09
N ARG B 114 7.79 -5.14 -25.53
CA ARG B 114 7.54 -6.47 -26.05
C ARG B 114 7.24 -7.42 -24.91
N LYS B 115 6.35 -8.38 -25.17
CA LYS B 115 6.07 -9.45 -24.22
C LYS B 115 5.66 -10.69 -24.98
N ARG B 116 6.26 -11.83 -24.63
CA ARG B 116 5.93 -13.09 -25.28
C ARG B 116 6.05 -14.19 -24.25
N GLU B 117 5.19 -15.20 -24.37
CA GLU B 117 5.17 -16.27 -23.40
C GLU B 117 4.84 -17.59 -24.07
N THR B 118 5.51 -18.66 -23.62
CA THR B 118 5.26 -20.01 -24.04
C THR B 118 5.02 -20.86 -22.80
N ARG B 119 4.77 -22.15 -23.02
CA ARG B 119 4.59 -23.07 -21.90
C ARG B 119 5.83 -23.11 -21.01
N THR B 120 6.99 -22.76 -21.56
CA THR B 120 8.26 -22.84 -20.85
C THR B 120 8.86 -21.49 -20.49
N ALA B 121 8.71 -20.47 -21.34
CA ALA B 121 9.50 -19.26 -21.23
C ALA B 121 8.63 -18.02 -21.07
N ARG B 122 9.20 -17.03 -20.37
CA ARG B 122 8.61 -15.72 -20.11
C ARG B 122 9.62 -14.66 -20.45
N GLU B 123 9.43 -13.97 -21.57
CA GLU B 123 10.35 -12.96 -22.01
C GLU B 123 9.68 -11.59 -21.99
N LEU B 124 10.45 -10.57 -21.61
CA LEU B 124 9.96 -9.20 -21.46
C LEU B 124 11.02 -8.25 -21.99
N TYR B 125 10.61 -7.32 -22.85
CA TYR B 125 11.50 -6.34 -23.42
C TYR B 125 11.00 -4.94 -23.08
N ALA B 126 11.92 -4.05 -22.73
CA ALA B 126 11.55 -2.71 -22.31
C ALA B 126 12.59 -1.71 -22.81
N ASN B 127 12.16 -0.45 -22.90
CA ASN B 127 13.04 0.64 -23.27
C ASN B 127 13.52 1.30 -21.98
N VAL B 128 14.78 1.07 -21.64
CA VAL B 128 15.32 1.50 -20.36
C VAL B 128 15.78 2.94 -20.49
N VAL B 129 15.28 3.81 -19.62
CA VAL B 129 15.64 5.23 -19.60
C VAL B 129 16.84 5.45 -18.69
N LEU B 130 17.86 6.13 -19.20
CA LEU B 130 19.00 6.51 -18.35
C LEU B 130 19.11 8.03 -18.27
N SER B 134 17.76 6.73 -23.72
CA SER B 134 16.99 5.50 -23.58
C SER B 134 17.59 4.35 -24.41
N LEU B 135 17.40 3.12 -23.94
CA LEU B 135 17.95 1.93 -24.59
C LEU B 135 16.79 1.03 -24.99
N ASN B 136 16.63 0.80 -26.29
CA ASN B 136 15.42 0.16 -26.81
C ASN B 136 15.52 -1.36 -26.82
N ASP B 137 14.42 -1.99 -26.40
CA ASP B 137 14.22 -3.44 -26.41
C ASP B 137 15.36 -4.15 -25.66
N CYS B 138 15.37 -3.95 -24.35
CA CYS B 138 16.27 -4.64 -23.45
C CYS B 138 15.56 -5.87 -22.90
N ARG B 139 16.26 -7.01 -22.90
CA ARG B 139 15.69 -8.25 -22.41
C ARG B 139 15.72 -8.24 -20.89
N ILE B 140 14.55 -8.12 -20.27
CA ILE B 140 14.48 -8.04 -18.81
C ILE B 140 14.44 -9.45 -18.23
N ILE B 141 15.35 -9.74 -17.31
CA ILE B 141 15.41 -11.06 -16.69
C ILE B 141 14.40 -11.15 -15.55
N PHE B 142 14.38 -10.14 -14.69
CA PHE B 142 13.64 -10.23 -13.43
C PHE B 142 12.22 -9.71 -13.63
N VAL B 143 11.42 -10.55 -14.29
CA VAL B 143 10.05 -10.21 -14.65
C VAL B 143 9.07 -10.37 -13.49
N ASP B 144 9.51 -10.87 -12.35
CA ASP B 144 8.66 -10.97 -11.18
C ASP B 144 8.95 -9.88 -10.16
N GLU B 145 9.87 -8.97 -10.49
CA GLU B 145 10.25 -7.86 -9.61
C GLU B 145 10.11 -6.54 -10.35
N VAL B 146 8.95 -6.34 -10.96
CA VAL B 146 8.67 -5.13 -11.70
C VAL B 146 7.76 -4.27 -10.85
N PHE B 147 8.23 -3.07 -10.52
CA PHE B 147 7.54 -2.21 -9.57
C PHE B 147 6.68 -1.19 -10.29
N LYS B 148 5.60 -0.80 -9.63
CA LYS B 148 4.77 0.30 -10.09
C LYS B 148 5.39 1.59 -9.58
N ILE B 149 5.49 2.58 -10.45
CA ILE B 149 6.08 3.85 -10.08
C ILE B 149 5.03 4.68 -9.37
N GLU B 150 5.37 5.15 -8.17
CA GLU B 150 4.46 5.96 -7.37
C GLU B 150 4.62 7.43 -7.76
N ARG B 151 3.50 8.08 -8.04
CA ARG B 151 3.42 9.51 -8.29
C ARG B 151 2.25 10.02 -7.48
N PRO B 152 2.22 11.33 -7.18
CA PRO B 152 1.10 11.86 -6.39
C PRO B 152 -0.18 12.08 -7.21
N GLY B 153 -1.22 11.28 -6.98
CA GLY B 153 -1.23 10.23 -5.98
C GLY B 153 -1.87 8.94 -6.48
N ILE C 1 -11.85 -3.40 -6.98
CA ILE C 1 -13.01 -3.98 -6.32
C ILE C 1 -14.19 -3.00 -6.36
N PRO C 2 -15.41 -3.54 -6.46
CA PRO C 2 -16.58 -2.66 -6.40
C PRO C 2 -16.72 -2.04 -5.01
N LYS C 3 -17.12 -0.77 -4.99
CA LYS C 3 -17.21 -0.04 -3.73
C LYS C 3 -18.26 -0.68 -2.83
N ARG C 4 -17.96 -0.74 -1.54
CA ARG C 4 -18.88 -1.29 -0.57
C ARG C 4 -19.95 -0.26 -0.20
N ARG C 5 -21.10 -0.76 0.24
CA ARG C 5 -22.18 0.09 0.72
C ARG C 5 -21.98 0.34 2.20
N THR C 6 -21.72 1.59 2.57
CA THR C 6 -21.43 1.95 3.95
C THR C 6 -22.21 3.20 4.34
N ALA C 7 -22.68 3.23 5.58
CA ALA C 7 -23.26 4.43 6.11
C ALA C 7 -22.22 5.55 6.22
N ARG C 8 -22.70 6.77 6.37
CA ARG C 8 -21.84 7.94 6.57
C ARG C 8 -21.60 8.18 8.05
N M3L C 9 -20.34 8.49 8.41
CA M3L C 9 -20.05 8.86 9.77
CB M3L C 9 -18.55 8.97 10.11
CG M3L C 9 -17.73 7.93 9.39
CD M3L C 9 -16.38 7.82 10.05
CE M3L C 9 -15.41 8.73 9.32
NZ M3L C 9 -13.94 8.34 9.42
C M3L C 9 -20.66 10.20 10.17
O M3L C 9 -20.62 11.20 9.46
CM1 M3L C 9 -13.53 8.14 10.85
CM2 M3L C 9 -13.07 9.35 8.78
CM3 M3L C 9 -13.77 7.04 8.70
N GLN C 10 -21.27 10.20 11.35
CA GLN C 10 -21.91 11.41 11.86
C GLN C 10 -21.01 12.15 12.86
N LEU C 11 -21.30 13.42 13.04
CA LEU C 11 -20.57 14.29 13.96
C LEU C 11 -21.08 14.07 15.38
N PRO C 12 -20.45 14.71 16.38
CA PRO C 12 -21.04 14.59 17.73
C PRO C 12 -22.36 15.36 17.85
N ILE D 1 9.17 -0.72 4.11
CA ILE D 1 9.02 -1.53 2.91
C ILE D 1 10.17 -2.54 2.87
N PRO D 2 9.94 -3.71 2.30
CA PRO D 2 11.02 -4.72 2.28
C PRO D 2 12.11 -4.33 1.32
N LYS D 3 13.33 -4.74 1.65
CA LYS D 3 14.47 -4.36 0.83
C LYS D 3 14.39 -5.06 -0.51
N ARG D 4 14.87 -4.38 -1.53
CA ARG D 4 14.87 -4.91 -2.87
C ARG D 4 16.29 -5.26 -3.28
N ARG D 5 16.40 -6.26 -4.16
CA ARG D 5 17.70 -6.81 -4.49
C ARG D 5 18.37 -5.94 -5.55
N THR D 6 19.46 -5.29 -5.18
CA THR D 6 20.15 -4.34 -6.03
C THR D 6 21.65 -4.65 -6.05
N ALA D 7 22.26 -4.54 -7.21
CA ALA D 7 23.70 -4.66 -7.32
C ALA D 7 24.37 -3.50 -6.57
N ARG D 8 25.70 -3.58 -6.47
CA ARG D 8 26.47 -2.55 -5.81
C ARG D 8 27.15 -1.63 -6.82
N M3L D 9 27.01 -0.32 -6.62
CA M3L D 9 27.76 0.64 -7.40
CB M3L D 9 27.46 2.10 -7.07
CG M3L D 9 26.01 2.30 -6.70
CD M3L D 9 25.62 3.77 -6.81
CE M3L D 9 25.83 4.45 -5.47
NZ M3L D 9 25.20 5.82 -5.30
C M3L D 9 29.26 0.43 -7.20
O M3L D 9 29.74 -0.25 -6.30
CM1 M3L D 9 25.70 6.79 -6.32
CM2 M3L D 9 25.45 6.36 -3.93
CM3 M3L D 9 23.73 5.67 -5.50
N GLN D 10 30.02 1.03 -8.10
CA GLN D 10 31.47 0.87 -8.09
C GLN D 10 32.18 2.17 -7.72
#